data_4I4Q
#
_entry.id   4I4Q
#
_cell.length_a   77.744
_cell.length_b   77.744
_cell.length_c   52.772
_cell.angle_alpha   90.00
_cell.angle_beta   90.00
_cell.angle_gamma   120.00
#
_symmetry.space_group_name_H-M   'P 32 2 1'
#
loop_
_entity.id
_entity.type
_entity.pdbx_description
1 polymer 'BEL-beta trefoil'
2 non-polymer GLYCEROL
3 water water
#
_entity_poly.entity_id   1
_entity_poly.type   'polypeptide(L)'
_entity_poly.pdbx_seq_one_letter_code
;VNFPNIPAEGVRFRLRARDSGYVIYSRTENDPLVWHYNGPPYDDQLFTLIHGTGSRLNLYAIKSVPNGRVLFSRNSASPT
VGNIVGDGTYNDNWFQFIQDDNDANSFRIYSLASDSVLYSRTTGAPQFGNYTGPKFDDQLWHFEIV
;
_entity_poly.pdbx_strand_id   A
#
loop_
_chem_comp.id
_chem_comp.type
_chem_comp.name
_chem_comp.formula
GOL non-polymer GLYCEROL 'C3 H8 O3'
#
# COMPACT_ATOMS: atom_id res chain seq x y z
N VAL A 1 -8.26 -0.59 -15.46
CA VAL A 1 -7.76 -1.96 -15.58
C VAL A 1 -6.72 -2.23 -14.49
N ASN A 2 -6.67 -3.46 -14.01
CA ASN A 2 -5.69 -3.84 -13.01
C ASN A 2 -4.27 -3.73 -13.53
N PHE A 3 -3.33 -3.37 -12.67
CA PHE A 3 -1.94 -3.31 -13.06
C PHE A 3 -1.51 -4.67 -13.61
N PRO A 4 -0.86 -4.68 -14.77
CA PRO A 4 -0.60 -5.95 -15.47
C PRO A 4 0.50 -6.81 -14.86
N ASN A 5 1.31 -6.27 -13.96
CA ASN A 5 2.37 -7.06 -13.36
C ASN A 5 2.31 -7.01 -11.83
N ILE A 6 1.46 -7.85 -11.28
CA ILE A 6 1.28 -7.93 -9.82
C ILE A 6 2.08 -9.13 -9.29
N PRO A 7 2.90 -8.91 -8.25
CA PRO A 7 3.78 -10.00 -7.79
C PRO A 7 3.02 -11.26 -7.38
N ALA A 8 3.55 -12.41 -7.80
CA ALA A 8 2.97 -13.69 -7.42
C ALA A 8 3.12 -13.91 -5.93
N GLU A 9 2.35 -14.86 -5.40
CA GLU A 9 2.45 -15.22 -3.99
C GLU A 9 3.90 -15.60 -3.65
N GLY A 10 4.38 -15.09 -2.52
CA GLY A 10 5.72 -15.40 -2.06
C GLY A 10 6.81 -14.47 -2.56
N VAL A 11 6.50 -13.66 -3.57
CA VAL A 11 7.47 -12.74 -4.14
C VAL A 11 7.60 -11.51 -3.24
N ARG A 12 8.83 -11.22 -2.81
CA ARG A 12 9.07 -10.08 -1.93
C ARG A 12 9.33 -8.81 -2.72
N PHE A 13 8.83 -7.68 -2.21
CA PHE A 13 9.02 -6.40 -2.88
C PHE A 13 8.90 -5.24 -1.91
N ARG A 14 9.39 -4.08 -2.34
CA ARG A 14 9.06 -2.81 -1.71
C ARG A 14 8.00 -2.11 -2.55
N LEU A 15 7.29 -1.18 -1.91
CA LEU A 15 6.34 -0.31 -2.61
C LEU A 15 6.93 1.08 -2.59
N ARG A 16 7.35 1.55 -3.76
CA ARG A 16 8.01 2.84 -3.87
C ARG A 16 7.17 3.80 -4.69
N ALA A 17 6.98 5.01 -4.16
CA ALA A 17 6.19 5.99 -4.88
C ALA A 17 6.96 6.50 -6.09
N ARG A 18 6.25 6.65 -7.21
CA ARG A 18 6.86 7.03 -8.48
C ARG A 18 7.61 8.35 -8.37
N ASP A 19 6.98 9.33 -7.74
CA ASP A 19 7.53 10.68 -7.74
C ASP A 19 8.37 11.03 -6.50
N SER A 20 7.84 10.77 -5.30
CA SER A 20 8.64 11.06 -4.10
C SER A 20 9.85 10.14 -4.02
N GLY A 21 9.70 8.91 -4.52
CA GLY A 21 10.74 7.91 -4.38
C GLY A 21 10.83 7.31 -2.98
N TYR A 22 9.90 7.65 -2.10
CA TYR A 22 9.90 7.09 -0.75
C TYR A 22 9.22 5.73 -0.78
N VAL A 23 9.53 4.89 0.20
CA VAL A 23 8.91 3.57 0.28
C VAL A 23 7.99 3.44 1.47
N ILE A 24 6.99 2.57 1.36
CA ILE A 24 6.11 2.27 2.48
C ILE A 24 6.85 1.37 3.47
N TYR A 25 6.64 1.61 4.75
CA TYR A 25 7.07 0.64 5.75
C TYR A 25 5.91 0.23 6.65
N SER A 26 6.07 -0.91 7.30
CA SER A 26 5.06 -1.43 8.20
C SER A 26 5.79 -2.09 9.35
N ARG A 27 5.75 -1.44 10.53
CA ARG A 27 6.54 -1.86 11.68
C ARG A 27 5.65 -2.05 12.91
N THR A 28 6.23 -2.50 14.01
CA THR A 28 5.43 -2.81 15.19
C THR A 28 5.84 -1.99 16.42
N GLU A 29 6.85 -1.13 16.26
CA GLU A 29 7.29 -0.23 17.32
C GLU A 29 7.36 1.19 16.77
N ASN A 30 6.84 2.15 17.53
CA ASN A 30 6.98 3.59 17.28
C ASN A 30 6.07 4.14 16.19
N ASP A 31 5.08 4.93 16.61
CA ASP A 31 4.19 5.59 15.66
C ASP A 31 4.97 6.55 14.74
N PRO A 32 4.53 6.69 13.48
CA PRO A 32 3.45 5.92 12.84
C PRO A 32 3.95 4.54 12.43
N LEU A 33 3.14 3.51 12.68
CA LEU A 33 3.54 2.14 12.37
C LEU A 33 3.56 1.88 10.87
N VAL A 34 2.70 2.57 10.12
CA VAL A 34 2.73 2.54 8.66
C VAL A 34 2.87 3.96 8.17
N TRP A 35 3.89 4.19 7.35
CA TRP A 35 4.18 5.53 6.84
C TRP A 35 5.13 5.36 5.68
N HIS A 36 5.73 6.44 5.19
CA HIS A 36 6.74 6.32 4.15
C HIS A 36 8.13 6.69 4.68
N TYR A 37 9.17 6.29 3.95
CA TYR A 37 10.54 6.50 4.40
C TYR A 37 11.46 6.82 3.23
N ASN A 38 12.31 7.81 3.46
CA ASN A 38 13.29 8.27 2.49
C ASN A 38 14.65 7.87 3.04
N GLY A 39 15.18 6.77 2.58
CA GLY A 39 16.46 6.32 3.05
C GLY A 39 16.74 4.90 2.60
N PRO A 40 17.70 4.26 3.28
CA PRO A 40 18.21 2.93 2.92
C PRO A 40 17.21 1.81 3.16
N PRO A 41 17.49 0.64 2.60
CA PRO A 41 16.60 -0.51 2.82
C PRO A 41 16.64 -1.01 4.26
N TYR A 42 15.45 -1.26 4.80
CA TYR A 42 15.27 -1.97 6.06
C TYR A 42 14.20 -3.03 5.83
N ASP A 43 14.22 -4.09 6.64
CA ASP A 43 13.31 -5.21 6.41
C ASP A 43 11.84 -4.85 6.57
N ASP A 44 11.53 -3.80 7.33
CA ASP A 44 10.12 -3.45 7.52
C ASP A 44 9.52 -2.78 6.27
N GLN A 45 10.31 -2.66 5.22
CA GLN A 45 9.83 -2.15 3.93
C GLN A 45 9.51 -3.30 3.00
N LEU A 46 9.70 -4.53 3.47
CA LEU A 46 9.48 -5.73 2.64
C LEU A 46 8.08 -6.30 2.82
N PHE A 47 7.41 -6.57 1.69
CA PHE A 47 6.07 -7.14 1.69
C PHE A 47 5.95 -8.33 0.74
N THR A 48 4.93 -9.14 0.98
CA THR A 48 4.42 -10.07 -0.03
C THR A 48 2.92 -9.85 -0.12
N LEU A 49 2.29 -10.43 -1.14
CA LEU A 49 0.85 -10.27 -1.29
C LEU A 49 0.13 -11.57 -1.01
N ILE A 50 -0.95 -11.49 -0.22
CA ILE A 50 -1.89 -12.59 -0.13
C ILE A 50 -2.87 -12.38 -1.27
N HIS A 51 -2.94 -13.34 -2.18
CA HIS A 51 -3.84 -13.24 -3.32
C HIS A 51 -5.26 -13.62 -2.94
N GLY A 52 -6.17 -12.65 -3.03
CA GLY A 52 -7.57 -12.88 -2.70
C GLY A 52 -8.26 -13.82 -3.65
N THR A 53 -9.16 -14.64 -3.10
CA THR A 53 -10.02 -15.50 -3.91
C THR A 53 -11.46 -15.25 -3.51
N GLY A 54 -12.40 -15.86 -4.23
CA GLY A 54 -13.82 -15.67 -3.92
C GLY A 54 -14.24 -14.22 -4.00
N SER A 55 -14.81 -13.71 -2.90
CA SER A 55 -15.24 -12.31 -2.85
C SER A 55 -14.07 -11.34 -2.86
N ARG A 56 -12.86 -11.87 -2.68
CA ARG A 56 -11.65 -11.07 -2.70
C ARG A 56 -10.87 -11.21 -4.00
N LEU A 57 -11.46 -11.85 -5.01
CA LEU A 57 -10.76 -11.99 -6.29
C LEU A 57 -10.38 -10.62 -6.86
N ASN A 58 -9.13 -10.48 -7.28
CA ASN A 58 -8.55 -9.22 -7.78
C ASN A 58 -8.24 -8.19 -6.69
N LEU A 59 -8.35 -8.64 -5.45
CA LEU A 59 -7.86 -7.89 -4.30
C LEU A 59 -6.73 -8.66 -3.62
N TYR A 60 -5.94 -7.95 -2.83
CA TYR A 60 -4.74 -8.49 -2.20
C TYR A 60 -4.58 -7.91 -0.81
N ALA A 61 -4.02 -8.70 0.11
CA ALA A 61 -3.62 -8.17 1.40
C ALA A 61 -2.12 -7.96 1.34
N ILE A 62 -1.65 -6.88 1.93
CA ILE A 62 -0.25 -6.48 1.81
C ILE A 62 0.45 -6.81 3.13
N LYS A 63 1.23 -7.90 3.12
CA LYS A 63 1.71 -8.54 4.34
C LYS A 63 3.19 -8.29 4.59
N SER A 64 3.51 -7.81 5.79
CA SER A 64 4.89 -7.54 6.17
C SER A 64 5.73 -8.81 6.26
N VAL A 65 6.88 -8.81 5.60
CA VAL A 65 7.81 -9.94 5.71
C VAL A 65 8.33 -10.15 7.16
N PRO A 66 8.91 -9.13 7.80
CA PRO A 66 9.42 -9.40 9.16
C PRO A 66 8.36 -9.62 10.26
N ASN A 67 7.22 -8.91 10.21
CA ASN A 67 6.26 -9.00 11.32
C ASN A 67 4.93 -9.65 11.01
N GLY A 68 4.65 -9.91 9.73
CA GLY A 68 3.45 -10.63 9.35
C GLY A 68 2.14 -9.85 9.39
N ARG A 69 2.17 -8.63 9.89
CA ARG A 69 0.94 -7.83 9.88
C ARG A 69 0.54 -7.44 8.47
N VAL A 70 -0.75 -7.24 8.25
CA VAL A 70 -1.22 -6.71 6.96
C VAL A 70 -1.62 -5.25 7.08
N LEU A 71 -1.53 -4.53 5.97
CA LEU A 71 -1.94 -3.13 5.95
C LEU A 71 -3.47 -3.00 6.00
N PHE A 72 -3.93 -1.86 6.53
CA PHE A 72 -5.33 -1.46 6.40
C PHE A 72 -5.42 -0.01 5.93
N SER A 73 -6.51 0.31 5.25
CA SER A 73 -6.78 1.66 4.76
C SER A 73 -8.28 1.88 4.90
N ARG A 74 -8.66 2.85 5.72
CA ARG A 74 -10.05 2.98 6.11
C ARG A 74 -10.46 4.44 6.28
N ASN A 75 -11.76 4.65 6.45
CA ASN A 75 -12.28 5.97 6.80
C ASN A 75 -13.17 5.89 8.04
N SER A 76 -13.08 4.78 8.77
CA SER A 76 -14.00 4.50 9.88
C SER A 76 -13.41 4.84 11.24
N ALA A 77 -12.09 5.00 11.28
CA ALA A 77 -11.39 5.32 12.51
C ALA A 77 -10.00 5.87 12.21
N SER A 78 -9.38 6.48 13.22
CA SER A 78 -8.02 6.96 13.12
C SER A 78 -7.08 6.05 13.92
N PRO A 79 -5.87 5.78 13.40
CA PRO A 79 -5.33 6.28 12.13
C PRO A 79 -6.02 5.63 10.94
N THR A 80 -6.04 6.33 9.81
CA THR A 80 -6.74 5.84 8.62
C THR A 80 -5.94 4.77 7.88
N VAL A 81 -4.62 4.79 8.05
CA VAL A 81 -3.75 3.78 7.46
C VAL A 81 -2.89 3.21 8.58
N GLY A 82 -2.80 1.88 8.64
CA GLY A 82 -2.04 1.24 9.70
C GLY A 82 -1.83 -0.22 9.36
N ASN A 83 -1.48 -1.01 10.38
CA ASN A 83 -1.36 -2.45 10.20
C ASN A 83 -2.07 -3.25 11.30
N ILE A 84 -2.22 -4.55 11.07
CA ILE A 84 -2.97 -5.40 11.99
C ILE A 84 -2.67 -6.87 11.72
N VAL A 85 -2.70 -7.70 12.77
CA VAL A 85 -2.57 -9.15 12.60
C VAL A 85 -3.80 -9.72 11.87
N GLY A 86 -3.70 -10.96 11.39
CA GLY A 86 -4.88 -11.69 10.94
C GLY A 86 -5.00 -12.18 9.50
N ASP A 87 -3.98 -11.92 8.68
CA ASP A 87 -3.98 -12.33 7.27
C ASP A 87 -5.18 -11.85 6.45
N GLY A 88 -5.72 -10.68 6.79
CA GLY A 88 -6.83 -10.11 6.03
C GLY A 88 -8.21 -10.40 6.60
N THR A 89 -8.31 -10.39 7.92
CA THR A 89 -9.58 -10.70 8.60
C THR A 89 -10.63 -9.59 8.45
N TYR A 90 -10.18 -8.38 8.10
CA TYR A 90 -11.09 -7.25 7.98
C TYR A 90 -11.20 -6.81 6.53
N ASN A 91 -12.38 -6.31 6.15
CA ASN A 91 -12.60 -5.85 4.79
C ASN A 91 -11.61 -4.78 4.33
N ASP A 92 -11.22 -3.89 5.24
CA ASP A 92 -10.31 -2.81 4.88
C ASP A 92 -8.84 -3.24 4.82
N ASN A 93 -8.60 -4.55 4.89
CA ASN A 93 -7.27 -5.12 4.66
C ASN A 93 -7.04 -5.46 3.19
N TRP A 94 -8.03 -5.22 2.33
CA TRP A 94 -7.95 -5.70 0.96
C TRP A 94 -7.81 -4.58 -0.04
N PHE A 95 -6.87 -4.76 -0.97
CA PHE A 95 -6.46 -3.70 -1.88
C PHE A 95 -6.50 -4.15 -3.32
N GLN A 96 -6.81 -3.21 -4.21
CA GLN A 96 -6.75 -3.42 -5.64
C GLN A 96 -5.58 -2.58 -6.17
N PHE A 97 -4.86 -3.11 -7.16
CA PHE A 97 -3.78 -2.35 -7.80
C PHE A 97 -4.24 -1.93 -9.18
N ILE A 98 -4.54 -0.65 -9.32
CA ILE A 98 -5.22 -0.14 -10.51
C ILE A 98 -4.26 0.71 -11.34
N GLN A 99 -4.00 0.27 -12.57
CA GLN A 99 -3.07 0.95 -13.46
C GLN A 99 -3.51 2.39 -13.71
N ASP A 100 -2.57 3.33 -13.69
CA ASP A 100 -2.91 4.70 -14.01
C ASP A 100 -3.30 4.80 -15.47
N ASP A 101 -4.28 5.63 -15.79
CA ASP A 101 -4.78 5.70 -17.16
C ASP A 101 -3.83 6.41 -18.13
N ASN A 102 -2.86 7.16 -17.58
CA ASN A 102 -2.01 7.99 -18.40
C ASN A 102 -0.52 7.70 -18.22
N ASP A 103 -0.21 6.79 -17.30
CA ASP A 103 1.14 6.26 -17.13
C ASP A 103 1.04 4.77 -16.88
N ALA A 104 1.29 3.99 -17.94
CA ALA A 104 1.12 2.54 -17.87
C ALA A 104 2.05 1.86 -16.86
N ASN A 105 3.12 2.53 -16.48
CA ASN A 105 4.11 1.95 -15.58
C ASN A 105 3.84 2.16 -14.09
N SER A 106 2.74 2.81 -13.73
CA SER A 106 2.42 2.97 -12.32
C SER A 106 0.96 2.63 -12.01
N PHE A 107 0.67 2.52 -10.72
CA PHE A 107 -0.66 2.12 -10.27
C PHE A 107 -1.01 2.81 -8.96
N ARG A 108 -2.30 2.80 -8.65
CA ARG A 108 -2.78 3.23 -7.36
C ARG A 108 -3.08 2.03 -6.46
N ILE A 109 -2.86 2.23 -5.16
CA ILE A 109 -3.10 1.20 -4.16
C ILE A 109 -4.45 1.54 -3.57
N TYR A 110 -5.48 0.85 -4.07
CA TYR A 110 -6.86 1.24 -3.87
C TYR A 110 -7.61 0.37 -2.86
N SER A 111 -8.35 1.03 -1.99
CA SER A 111 -9.20 0.35 -1.01
C SER A 111 -10.65 0.43 -1.46
N LEU A 112 -11.27 -0.72 -1.75
CA LEU A 112 -12.69 -0.75 -2.07
C LEU A 112 -13.53 -0.38 -0.84
N ALA A 113 -13.08 -0.81 0.34
CA ALA A 113 -13.81 -0.54 1.56
C ALA A 113 -14.00 0.95 1.80
N SER A 114 -12.94 1.73 1.56
CA SER A 114 -12.97 3.16 1.87
C SER A 114 -12.97 4.06 0.64
N ASP A 115 -12.99 3.46 -0.56
CA ASP A 115 -12.92 4.23 -1.82
C ASP A 115 -11.76 5.23 -1.76
N SER A 116 -10.60 4.75 -1.31
CA SER A 116 -9.43 5.62 -1.10
C SER A 116 -8.19 5.03 -1.72
N VAL A 117 -7.19 5.88 -1.94
CA VAL A 117 -5.90 5.45 -2.45
C VAL A 117 -4.78 5.97 -1.55
N LEU A 118 -3.70 5.21 -1.47
CA LEU A 118 -2.52 5.66 -0.71
C LEU A 118 -1.73 6.70 -1.49
N TYR A 119 -1.14 7.66 -0.77
CA TYR A 119 -0.33 8.68 -1.43
C TYR A 119 0.94 8.95 -0.64
N SER A 120 1.94 9.49 -1.34
CA SER A 120 3.22 9.86 -0.74
C SER A 120 3.71 11.13 -1.42
N ARG A 121 4.01 12.17 -0.65
CA ARG A 121 4.56 13.39 -1.24
C ARG A 121 5.67 13.94 -0.34
N THR A 122 6.59 14.70 -0.94
CA THR A 122 7.77 15.18 -0.19
C THR A 122 7.51 16.42 0.66
N THR A 123 6.35 17.05 0.48
CA THR A 123 5.95 18.19 1.29
C THR A 123 4.43 18.23 1.39
N GLY A 124 3.94 18.90 2.41
CA GLY A 124 2.51 19.03 2.65
C GLY A 124 2.02 17.98 3.63
N ALA A 125 1.86 18.38 4.90
CA ALA A 125 1.40 17.46 5.93
C ALA A 125 -0.11 17.20 5.80
N PRO A 126 -0.54 15.95 5.99
CA PRO A 126 0.32 14.78 6.19
C PRO A 126 0.92 14.28 4.87
N GLN A 127 2.21 13.96 4.90
CA GLN A 127 2.95 13.60 3.69
CA GLN A 127 2.92 13.61 3.68
C GLN A 127 2.60 12.23 3.13
N PHE A 128 2.04 11.37 3.98
CA PHE A 128 1.61 10.03 3.58
C PHE A 128 0.21 9.82 4.16
N GLY A 129 -0.62 9.03 3.47
CA GLY A 129 -1.91 8.69 4.02
C GLY A 129 -2.79 8.06 2.96
N ASN A 130 -4.09 8.04 3.22
CA ASN A 130 -5.04 7.69 2.17
C ASN A 130 -5.89 8.89 1.79
N TYR A 131 -6.61 8.77 0.68
CA TYR A 131 -7.30 9.92 0.12
C TYR A 131 -8.44 9.46 -0.76
N THR A 132 -9.61 10.06 -0.54
CA THR A 132 -10.78 9.85 -1.38
C THR A 132 -11.04 11.14 -2.14
N GLY A 133 -10.85 11.10 -3.45
CA GLY A 133 -11.01 12.30 -4.23
C GLY A 133 -10.35 12.19 -5.59
N PRO A 134 -10.09 13.34 -6.22
CA PRO A 134 -9.49 13.39 -7.55
C PRO A 134 -8.15 12.69 -7.64
N LYS A 135 -7.75 12.40 -8.87
CA LYS A 135 -6.47 11.76 -9.13
C LYS A 135 -5.33 12.75 -9.12
N PHE A 136 -4.28 12.40 -8.39
CA PHE A 136 -3.05 13.19 -8.31
C PHE A 136 -1.85 12.28 -8.47
N ASP A 137 -0.75 12.85 -8.96
CA ASP A 137 0.46 12.09 -9.26
C ASP A 137 1.09 11.49 -8.01
N ASP A 138 0.83 12.08 -6.85
CA ASP A 138 1.39 11.59 -5.59
C ASP A 138 0.75 10.27 -5.13
N GLN A 139 -0.21 9.78 -5.92
CA GLN A 139 -0.91 8.53 -5.62
C GLN A 139 -0.35 7.35 -6.41
N LEU A 140 0.71 7.59 -7.17
CA LEU A 140 1.23 6.60 -8.10
C LEU A 140 2.40 5.81 -7.50
N TRP A 141 2.34 4.49 -7.63
CA TRP A 141 3.33 3.59 -7.03
C TRP A 141 3.93 2.61 -8.02
N HIS A 142 5.08 2.06 -7.63
CA HIS A 142 5.75 0.95 -8.32
C HIS A 142 5.95 -0.22 -7.36
N PHE A 143 5.93 -1.44 -7.90
CA PHE A 143 6.45 -2.61 -7.18
C PHE A 143 7.96 -2.66 -7.45
N GLU A 144 8.74 -2.79 -6.37
CA GLU A 144 10.18 -2.92 -6.51
C GLU A 144 10.59 -4.30 -6.05
N ILE A 145 10.79 -5.22 -7.00
CA ILE A 145 11.02 -6.61 -6.67
C ILE A 145 12.41 -6.77 -6.06
N VAL A 146 12.51 -7.54 -4.98
CA VAL A 146 13.82 -7.74 -4.35
C VAL A 146 14.34 -9.16 -4.56
C1 GOL B . 13.18 2.97 9.73
O1 GOL B . 13.29 3.27 11.10
C2 GOL B . 11.71 2.86 9.32
O2 GOL B . 11.06 1.92 10.18
C3 GOL B . 11.53 2.53 7.83
O3 GOL B . 12.31 1.42 7.41
C1 GOL C . -10.66 -2.53 11.10
O1 GOL C . -10.63 -1.15 10.74
C2 GOL C . -9.38 -2.93 11.81
O2 GOL C . -9.21 -2.18 13.00
C3 GOL C . -8.16 -2.73 10.92
O3 GOL C . -8.23 -3.58 9.80
C1 GOL D . -3.35 15.38 -3.08
O1 GOL D . -2.05 15.61 -2.62
C2 GOL D . -4.10 14.54 -2.06
O2 GOL D . -4.09 15.19 -0.79
C3 GOL D . -3.41 13.19 -1.91
O3 GOL D . -3.37 12.56 -3.17
#